data_4EDG
#
_entry.id   4EDG
#
_cell.length_a   151.261
_cell.length_b   151.261
_cell.length_c   38.665
_cell.angle_alpha   90.000
_cell.angle_beta   90.000
_cell.angle_gamma   120.000
#
_symmetry.space_group_name_H-M   'P 61'
#
loop_
_entity.id
_entity.type
_entity.pdbx_description
1 polymer 'DNA primase'
2 non-polymer BENZAMIDINE
3 non-polymer "ADENOSINE-5'-TRIPHOSPHATE"
4 non-polymer 'MANGANESE (II) ION'
5 water water
#
_entity_poly.entity_id   1
_entity_poly.type   'polypeptide(L)'
_entity_poly.pdbx_seq_one_letter_code
;SNADDLQMIEMHELIQEFYYYALTKTVEGEQALTYLQERGFTDALIKERGIGFAPDSSHFCHDFLQKKGYDIELAYEAGL
LSRNEENFSYYDRFRNRIMFPLKNAQGRIVGYSGRTYTGQEPKYLNSPETPIFQKRKLLYNLDKARKSIRKLDEIVLLEG
FMDVIKSDTAGLKNVVATMGTQLSDEHITFIRKLTSNITLMFDGDFAGSEATLKTGQHLLQQGLNVFVIQLPSGMDPDEY
IGKYGNDAFTTFVKNDKKSFAHYKVSILKDEIAHNDLSYERYLKELSHDISLMKSSILQQKAINDVAPFFNVSPEQLANE
IQFNQAPAN
;
_entity_poly.pdbx_strand_id   A
#
loop_
_chem_comp.id
_chem_comp.type
_chem_comp.name
_chem_comp.formula
ATP non-polymer ADENOSINE-5'-TRIPHOSPHATE 'C10 H16 N5 O13 P3'
BEN non-polymer BENZAMIDINE 'C7 H8 N2'
MN non-polymer 'MANGANESE (II) ION' 'Mn 2'
#
# COMPACT_ATOMS: atom_id res chain seq x y z
N SER A 1 8.42 -24.29 -11.76
CA SER A 1 9.42 -24.03 -12.78
C SER A 1 9.19 -22.66 -13.40
N ASN A 2 10.21 -22.12 -14.05
CA ASN A 2 10.07 -20.84 -14.75
C ASN A 2 9.04 -20.92 -15.88
N ALA A 3 8.96 -22.07 -16.54
CA ALA A 3 7.99 -22.24 -17.62
C ALA A 3 6.57 -22.18 -17.06
N ASP A 4 6.35 -22.84 -15.93
CA ASP A 4 5.03 -22.78 -15.31
C ASP A 4 4.70 -21.39 -14.80
N ASP A 5 5.69 -20.68 -14.26
CA ASP A 5 5.47 -19.31 -13.77
C ASP A 5 4.99 -18.44 -14.92
N LEU A 6 5.63 -18.60 -16.07
CA LEU A 6 5.26 -17.83 -17.24
C LEU A 6 3.84 -18.14 -17.72
N GLN A 7 3.44 -19.41 -17.71
CA GLN A 7 2.08 -19.77 -18.05
CA GLN A 7 2.08 -19.77 -18.05
C GLN A 7 1.10 -19.11 -17.09
N MET A 8 1.46 -19.05 -15.82
CA MET A 8 0.57 -18.46 -14.82
C MET A 8 0.41 -16.95 -15.06
N ILE A 9 1.50 -16.30 -15.42
CA ILE A 9 1.45 -14.89 -15.78
C ILE A 9 0.57 -14.70 -17.03
N GLU A 10 0.76 -15.56 -18.04
CA GLU A 10 -0.06 -15.48 -19.26
C GLU A 10 -1.54 -15.57 -18.96
N MET A 11 -1.90 -16.49 -18.09
CA MET A 11 -3.31 -16.67 -17.70
C MET A 11 -3.86 -15.36 -17.14
N HIS A 12 -3.08 -14.72 -16.27
CA HIS A 12 -3.45 -13.44 -15.68
C HIS A 12 -3.62 -12.33 -16.72
N GLU A 13 -2.64 -12.23 -17.61
CA GLU A 13 -2.64 -11.17 -18.60
C GLU A 13 -3.73 -11.36 -19.67
N LEU A 14 -4.05 -12.61 -19.96
CA LEU A 14 -5.11 -12.88 -20.92
C LEU A 14 -6.50 -12.66 -20.34
N ILE A 15 -6.76 -13.18 -19.13
CA ILE A 15 -8.08 -12.98 -18.51
C ILE A 15 -8.29 -11.48 -18.23
N GLN A 16 -7.21 -10.73 -18.06
CA GLN A 16 -7.34 -9.27 -17.83
C GLN A 16 -8.12 -8.59 -18.96
N GLU A 17 -7.84 -8.99 -20.19
CA GLU A 17 -8.51 -8.39 -21.34
C GLU A 17 -9.99 -8.69 -21.29
N PHE A 18 -10.32 -9.90 -20.83
CA PHE A 18 -11.72 -10.32 -20.75
C PHE A 18 -12.47 -9.60 -19.62
N TYR A 19 -11.82 -9.47 -18.45
CA TYR A 19 -12.41 -8.70 -17.33
C TYR A 19 -12.63 -7.25 -17.70
N TYR A 20 -11.68 -6.67 -18.42
CA TYR A 20 -11.79 -5.29 -18.90
C TYR A 20 -13.01 -5.11 -19.81
N TYR A 21 -13.16 -6.01 -20.79
CA TYR A 21 -14.34 -5.99 -21.65
C TYR A 21 -15.63 -6.15 -20.85
N ALA A 22 -15.63 -7.09 -19.90
CA ALA A 22 -16.82 -7.36 -19.09
C ALA A 22 -17.25 -6.10 -18.33
N LEU A 23 -16.26 -5.36 -17.82
CA LEU A 23 -16.53 -4.15 -17.04
C LEU A 23 -17.07 -3.03 -17.91
N THR A 24 -16.40 -2.80 -19.04
CA THR A 24 -16.64 -1.57 -19.79
C THR A 24 -17.71 -1.71 -20.86
N LYS A 25 -18.03 -2.92 -21.27
CA LYS A 25 -18.97 -3.11 -22.39
C LYS A 25 -20.22 -3.93 -22.11
N THR A 26 -20.15 -4.87 -21.19
CA THR A 26 -21.25 -5.82 -21.05
C THR A 26 -22.34 -5.35 -20.10
N VAL A 27 -23.54 -5.90 -20.31
CA VAL A 27 -24.69 -5.58 -19.46
C VAL A 27 -24.39 -5.91 -17.99
N GLU A 28 -23.82 -7.10 -17.73
CA GLU A 28 -23.60 -7.50 -16.34
C GLU A 28 -22.62 -6.57 -15.60
N GLY A 29 -21.69 -5.96 -16.33
CA GLY A 29 -20.71 -5.08 -15.71
C GLY A 29 -21.19 -3.65 -15.41
N GLU A 30 -22.38 -3.30 -15.87
CA GLU A 30 -22.86 -1.90 -15.79
C GLU A 30 -22.89 -1.29 -14.39
N GLN A 31 -23.37 -2.04 -13.41
CA GLN A 31 -23.44 -1.50 -12.06
C GLN A 31 -22.03 -1.30 -11.49
N ALA A 32 -21.14 -2.25 -11.71
CA ALA A 32 -19.76 -2.08 -11.24
C ALA A 32 -19.11 -0.88 -11.93
N LEU A 33 -19.39 -0.70 -13.21
CA LEU A 33 -18.83 0.45 -13.94
C LEU A 33 -19.34 1.78 -13.35
N THR A 34 -20.63 1.86 -13.08
CA THR A 34 -21.21 3.05 -12.43
C THR A 34 -20.58 3.35 -11.06
N TYR A 35 -20.36 2.29 -10.30
CA TYR A 35 -19.71 2.43 -9.00
C TYR A 35 -18.34 3.10 -9.12
N LEU A 36 -17.50 2.60 -10.04
CA LEU A 36 -16.19 3.20 -10.25
C LEU A 36 -16.30 4.66 -10.71
N GLN A 37 -17.21 4.91 -11.65
CA GLN A 37 -17.35 6.26 -12.17
C GLN A 37 -17.77 7.23 -11.07
N GLU A 38 -18.59 6.74 -10.14
CA GLU A 38 -18.98 7.58 -9.00
C GLU A 38 -17.86 7.80 -7.98
N ARG A 39 -16.79 7.00 -8.06
CA ARG A 39 -15.61 7.22 -7.24
C ARG A 39 -14.56 7.99 -8.03
N GLY A 40 -14.99 8.60 -9.13
CA GLY A 40 -14.12 9.47 -9.89
C GLY A 40 -13.21 8.81 -10.90
N PHE A 41 -13.43 7.52 -11.18
CA PHE A 41 -12.67 6.86 -12.26
C PHE A 41 -13.18 7.29 -13.63
N THR A 42 -12.30 7.90 -14.40
CA THR A 42 -12.61 8.22 -15.78
C THR A 42 -12.40 6.97 -16.63
N ASP A 43 -12.93 6.98 -17.85
CA ASP A 43 -12.71 5.88 -18.78
C ASP A 43 -11.22 5.69 -19.00
N ALA A 44 -10.49 6.81 -19.06
CA ALA A 44 -9.05 6.78 -19.28
C ALA A 44 -8.31 6.08 -18.15
N LEU A 45 -8.68 6.40 -16.91
CA LEU A 45 -8.02 5.80 -15.75
C LEU A 45 -8.34 4.30 -15.65
N ILE A 46 -9.58 3.93 -15.96
CA ILE A 46 -9.97 2.53 -15.94
C ILE A 46 -9.13 1.77 -16.96
N LYS A 47 -8.99 2.34 -18.15
CA LYS A 47 -8.15 1.72 -19.19
C LYS A 47 -6.68 1.67 -18.77
N GLU A 48 -6.20 2.78 -18.22
CA GLU A 48 -4.80 2.88 -17.80
C GLU A 48 -4.41 1.81 -16.76
N ARG A 49 -5.27 1.58 -15.78
CA ARG A 49 -4.99 0.61 -14.73
C ARG A 49 -5.49 -0.80 -15.10
N GLY A 50 -6.11 -0.94 -16.27
CA GLY A 50 -6.57 -2.24 -16.72
C GLY A 50 -7.67 -2.86 -15.84
N ILE A 51 -8.44 -2.01 -15.18
CA ILE A 51 -9.46 -2.46 -14.23
C ILE A 51 -10.61 -3.18 -14.95
N GLY A 52 -11.15 -4.23 -14.34
CA GLY A 52 -12.15 -5.04 -14.99
C GLY A 52 -13.22 -5.51 -14.01
N PHE A 53 -14.02 -6.46 -14.46
CA PHE A 53 -15.14 -6.99 -13.68
C PHE A 53 -15.16 -8.50 -13.83
N ALA A 54 -15.30 -9.22 -12.72
CA ALA A 54 -15.47 -10.67 -12.77
C ALA A 54 -16.95 -10.97 -12.63
N PRO A 55 -17.56 -11.55 -13.68
CA PRO A 55 -18.98 -11.93 -13.61
C PRO A 55 -19.27 -12.93 -12.50
N ASP A 56 -20.55 -13.16 -12.20
CA ASP A 56 -20.94 -13.96 -11.04
C ASP A 56 -21.22 -15.44 -11.35
N SER A 57 -20.98 -15.86 -12.59
CA SER A 57 -21.38 -17.21 -13.02
C SER A 57 -20.65 -18.34 -12.28
N SER A 58 -19.43 -18.05 -11.84
CA SER A 58 -18.52 -19.02 -11.18
C SER A 58 -17.72 -19.90 -12.16
N HIS A 59 -17.89 -19.68 -13.47
CA HIS A 59 -17.12 -20.45 -14.46
C HIS A 59 -16.67 -19.61 -15.65
N PHE A 60 -16.69 -18.29 -15.49
CA PHE A 60 -16.24 -17.37 -16.53
C PHE A 60 -14.73 -17.53 -16.81
N CYS A 61 -13.92 -17.43 -15.77
CA CYS A 61 -12.46 -17.56 -15.91
C CYS A 61 -12.11 -19.01 -16.23
N HIS A 62 -12.74 -19.92 -15.49
CA HIS A 62 -12.55 -21.35 -15.73
C HIS A 62 -12.71 -21.72 -17.21
N ASP A 63 -13.85 -21.34 -17.80
CA ASP A 63 -14.15 -21.71 -19.18
C ASP A 63 -13.20 -21.03 -20.17
N PHE A 64 -12.85 -19.78 -19.91
CA PHE A 64 -11.90 -19.06 -20.75
C PHE A 64 -10.53 -19.75 -20.77
N LEU A 65 -10.03 -20.09 -19.60
CA LEU A 65 -8.70 -20.70 -19.51
C LEU A 65 -8.71 -22.10 -20.13
N GLN A 66 -9.83 -22.78 -19.96
CA GLN A 66 -10.00 -24.12 -20.52
C GLN A 66 -10.00 -24.04 -22.05
N LYS A 67 -10.78 -23.11 -22.59
CA LYS A 67 -10.85 -22.91 -24.03
C LYS A 67 -9.48 -22.55 -24.63
N LYS A 68 -8.69 -21.77 -23.89
CA LYS A 68 -7.37 -21.35 -24.36
C LYS A 68 -6.31 -22.44 -24.23
N GLY A 69 -6.69 -23.57 -23.63
CA GLY A 69 -5.80 -24.71 -23.56
C GLY A 69 -4.92 -24.78 -22.32
N TYR A 70 -5.25 -24.01 -21.29
CA TYR A 70 -4.45 -24.06 -20.06
C TYR A 70 -4.84 -25.25 -19.20
N ASP A 71 -3.87 -25.78 -18.46
CA ASP A 71 -4.14 -26.80 -17.46
C ASP A 71 -4.95 -26.20 -16.29
N ILE A 72 -6.09 -26.79 -15.99
CA ILE A 72 -6.97 -26.25 -14.97
C ILE A 72 -6.35 -26.30 -13.59
N GLU A 73 -5.69 -27.41 -13.26
CA GLU A 73 -5.02 -27.50 -11.97
C GLU A 73 -3.93 -26.42 -11.83
N LEU A 74 -3.25 -26.11 -12.93
CA LEU A 74 -2.26 -25.02 -12.89
C LEU A 74 -2.93 -23.66 -12.65
N ALA A 75 -4.10 -23.47 -13.24
CA ALA A 75 -4.86 -22.22 -13.01
C ALA A 75 -5.29 -22.13 -11.54
N TYR A 76 -5.59 -23.27 -10.93
CA TYR A 76 -5.86 -23.32 -9.49
C TYR A 76 -4.62 -22.91 -8.70
N GLU A 77 -3.47 -23.48 -9.06
CA GLU A 77 -2.21 -23.16 -8.40
CA GLU A 77 -2.22 -23.15 -8.40
C GLU A 77 -1.83 -21.69 -8.64
N ALA A 78 -2.31 -21.12 -9.74
CA ALA A 78 -2.06 -19.70 -10.04
C ALA A 78 -3.00 -18.78 -9.27
N GLY A 79 -3.93 -19.38 -8.53
CA GLY A 79 -4.83 -18.63 -7.67
C GLY A 79 -6.00 -17.99 -8.39
N LEU A 80 -6.23 -18.38 -9.64
CA LEU A 80 -7.38 -17.89 -10.40
C LEU A 80 -8.64 -18.73 -10.16
N LEU A 81 -8.46 -19.98 -9.80
CA LEU A 81 -9.60 -20.87 -9.57
C LEU A 81 -9.56 -21.40 -8.14
N SER A 82 -10.73 -21.78 -7.64
CA SER A 82 -10.84 -22.45 -6.36
C SER A 82 -11.25 -23.89 -6.63
N ARG A 83 -11.09 -24.75 -5.63
CA ARG A 83 -11.43 -26.14 -5.79
C ARG A 83 -12.43 -26.61 -4.74
N ASN A 84 -13.53 -27.21 -5.20
CA ASN A 84 -14.46 -27.88 -4.29
C ASN A 84 -13.85 -29.21 -3.87
N GLU A 85 -13.38 -29.29 -2.63
CA GLU A 85 -12.66 -30.47 -2.17
C GLU A 85 -13.55 -31.72 -2.08
N GLU A 86 -14.86 -31.52 -2.01
CA GLU A 86 -15.80 -32.64 -1.93
C GLU A 86 -15.80 -33.47 -3.21
N ASN A 87 -15.89 -32.81 -4.36
CA ASN A 87 -15.93 -33.50 -5.65
C ASN A 87 -14.78 -33.16 -6.59
N PHE A 88 -13.75 -32.49 -6.05
CA PHE A 88 -12.56 -32.11 -6.82
C PHE A 88 -12.86 -31.23 -8.05
N SER A 89 -14.00 -30.54 -8.05
CA SER A 89 -14.36 -29.65 -9.14
CA SER A 89 -14.37 -29.65 -9.14
C SER A 89 -13.74 -28.27 -8.94
N TYR A 90 -13.55 -27.54 -10.05
CA TYR A 90 -12.96 -26.20 -10.02
C TYR A 90 -13.96 -25.13 -10.43
N TYR A 91 -13.78 -23.92 -9.88
CA TYR A 91 -14.65 -22.80 -10.21
C TYR A 91 -13.89 -21.51 -9.93
N ASP A 92 -14.45 -20.38 -10.37
CA ASP A 92 -13.76 -19.10 -10.29
C ASP A 92 -13.59 -18.67 -8.84
N ARG A 93 -12.37 -18.30 -8.48
CA ARG A 93 -12.11 -17.70 -7.18
C ARG A 93 -12.76 -16.30 -7.07
N PHE A 94 -12.76 -15.56 -8.17
CA PHE A 94 -13.25 -14.18 -8.15
C PHE A 94 -14.61 -14.10 -8.83
N ARG A 95 -15.63 -13.70 -8.09
CA ARG A 95 -17.00 -13.67 -8.62
C ARG A 95 -17.70 -12.39 -8.21
N ASN A 96 -18.32 -11.71 -9.19
CA ASN A 96 -19.02 -10.44 -8.92
C ASN A 96 -18.15 -9.41 -8.20
N ARG A 97 -16.92 -9.24 -8.66
CA ARG A 97 -16.02 -8.26 -8.04
C ARG A 97 -15.33 -7.39 -9.09
N ILE A 98 -14.95 -6.19 -8.69
CA ILE A 98 -14.20 -5.31 -9.56
C ILE A 98 -12.74 -5.73 -9.47
N MET A 99 -12.13 -6.00 -10.62
CA MET A 99 -10.81 -6.65 -10.66
C MET A 99 -9.67 -5.70 -10.93
N PHE A 100 -8.80 -5.52 -9.93
CA PHE A 100 -7.62 -4.68 -10.05
C PHE A 100 -6.40 -5.57 -10.26
N PRO A 101 -5.77 -5.48 -11.46
CA PRO A 101 -4.57 -6.27 -11.73
C PRO A 101 -3.45 -5.90 -10.76
N LEU A 102 -2.73 -6.89 -10.25
CA LEU A 102 -1.58 -6.65 -9.40
C LEU A 102 -0.33 -7.03 -10.18
N LYS A 103 0.51 -6.03 -10.48
CA LYS A 103 1.71 -6.25 -11.28
C LYS A 103 2.94 -6.40 -10.41
N ASN A 104 3.85 -7.28 -10.80
CA ASN A 104 5.11 -7.39 -10.06
C ASN A 104 6.01 -6.22 -10.44
N ALA A 105 7.21 -6.22 -9.86
CA ALA A 105 8.18 -5.15 -10.05
C ALA A 105 8.57 -4.98 -11.52
N GLN A 106 8.40 -6.05 -12.31
CA GLN A 106 8.72 -6.01 -13.74
C GLN A 106 7.52 -5.63 -14.60
N GLY A 107 6.38 -5.36 -13.98
CA GLY A 107 5.20 -4.92 -14.72
C GLY A 107 4.34 -6.04 -15.29
N ARG A 108 4.58 -7.28 -14.84
CA ARG A 108 3.76 -8.41 -15.28
C ARG A 108 2.63 -8.62 -14.30
N ILE A 109 1.44 -8.97 -14.80
CA ILE A 109 0.30 -9.22 -13.91
C ILE A 109 0.44 -10.58 -13.27
N VAL A 110 0.53 -10.62 -11.95
CA VAL A 110 0.77 -11.87 -11.24
C VAL A 110 -0.33 -12.20 -10.24
N GLY A 111 -1.30 -11.31 -10.11
CA GLY A 111 -2.42 -11.55 -9.24
C GLY A 111 -3.51 -10.51 -9.43
N TYR A 112 -4.59 -10.63 -8.65
CA TYR A 112 -5.68 -9.66 -8.67
C TYR A 112 -6.12 -9.34 -7.26
N SER A 113 -6.67 -8.13 -7.11
CA SER A 113 -7.47 -7.83 -5.93
C SER A 113 -8.86 -7.51 -6.44
N GLY A 114 -9.85 -8.26 -5.96
CA GLY A 114 -11.23 -8.06 -6.39
C GLY A 114 -12.01 -7.36 -5.28
N ARG A 115 -12.51 -6.16 -5.58
CA ARG A 115 -13.31 -5.43 -4.60
C ARG A 115 -14.80 -5.69 -4.80
N THR A 116 -15.51 -5.88 -3.70
CA THR A 116 -16.97 -5.91 -3.75
C THR A 116 -17.44 -4.54 -4.20
N TYR A 117 -18.64 -4.48 -4.80
CA TYR A 117 -19.28 -3.18 -5.02
C TYR A 117 -20.70 -3.26 -4.47
N THR A 118 -20.95 -4.31 -3.68
CA THR A 118 -22.29 -4.50 -3.12
C THR A 118 -22.25 -4.70 -1.61
N GLY A 119 -21.20 -4.19 -0.98
CA GLY A 119 -21.07 -4.28 0.47
C GLY A 119 -20.84 -5.69 1.00
N GLN A 120 -20.24 -6.55 0.19
CA GLN A 120 -19.97 -7.92 0.64
C GLN A 120 -18.63 -8.03 1.40
N GLU A 121 -18.45 -9.15 2.09
CA GLU A 121 -17.22 -9.42 2.83
C GLU A 121 -16.53 -10.62 2.21
N PRO A 122 -15.18 -10.57 2.08
CA PRO A 122 -14.33 -9.43 2.44
C PRO A 122 -14.47 -8.32 1.42
N LYS A 123 -14.24 -7.07 1.83
CA LYS A 123 -14.34 -5.94 0.91
C LYS A 123 -13.41 -6.15 -0.28
N TYR A 124 -12.15 -6.48 0.02
CA TYR A 124 -11.18 -6.84 -1.01
C TYR A 124 -10.78 -8.30 -0.87
N LEU A 125 -10.83 -9.03 -1.98
CA LEU A 125 -10.35 -10.41 -2.02
C LEU A 125 -9.12 -10.45 -2.93
N ASN A 126 -7.98 -10.81 -2.36
CA ASN A 126 -6.74 -10.94 -3.13
C ASN A 126 -6.49 -12.36 -3.64
N SER A 127 -5.58 -12.48 -4.59
CA SER A 127 -5.04 -13.77 -4.96
C SER A 127 -4.42 -14.38 -3.71
N PRO A 128 -4.42 -15.71 -3.61
CA PRO A 128 -3.71 -16.36 -2.51
C PRO A 128 -2.21 -16.35 -2.82
N GLU A 129 -1.37 -16.80 -1.90
CA GLU A 129 0.07 -16.93 -2.16
C GLU A 129 0.25 -17.94 -3.28
N THR A 130 1.02 -17.58 -4.31
CA THR A 130 1.28 -18.49 -5.41
C THR A 130 2.77 -18.43 -5.78
N PRO A 131 3.22 -19.30 -6.71
CA PRO A 131 4.63 -19.16 -7.10
C PRO A 131 4.97 -17.78 -7.67
N ILE A 132 3.99 -17.02 -8.16
CA ILE A 132 4.30 -15.73 -8.78
C ILE A 132 3.80 -14.52 -7.99
N PHE A 133 2.90 -14.77 -7.04
CA PHE A 133 2.34 -13.71 -6.21
C PHE A 133 2.65 -13.95 -4.74
N GLN A 134 3.48 -13.09 -4.15
CA GLN A 134 3.82 -13.22 -2.76
C GLN A 134 3.66 -11.88 -2.10
N LYS A 135 2.74 -11.79 -1.15
CA LYS A 135 2.46 -10.52 -0.51
C LYS A 135 3.66 -9.89 0.19
N ARG A 136 4.58 -10.70 0.70
CA ARG A 136 5.74 -10.15 1.38
C ARG A 136 6.75 -9.55 0.40
N LYS A 137 6.57 -9.79 -0.90
CA LYS A 137 7.49 -9.23 -1.90
C LYS A 137 6.87 -8.13 -2.78
N LEU A 138 5.58 -8.26 -3.09
CA LEU A 138 4.94 -7.31 -4.01
C LEU A 138 4.61 -5.96 -3.35
N LEU A 139 4.92 -4.89 -4.06
CA LEU A 139 4.51 -3.55 -3.69
C LEU A 139 3.65 -2.99 -4.82
N TYR A 140 2.38 -2.71 -4.53
CA TYR A 140 1.50 -2.20 -5.57
C TYR A 140 2.06 -0.91 -6.15
N ASN A 141 2.10 -0.84 -7.48
CA ASN A 141 2.53 0.35 -8.25
C ASN A 141 4.04 0.52 -8.37
N LEU A 142 4.82 -0.39 -7.80
CA LEU A 142 6.29 -0.21 -7.79
C LEU A 142 6.85 -0.14 -9.21
N ASP A 143 6.30 -0.96 -10.10
CA ASP A 143 6.67 -0.96 -11.51
C ASP A 143 6.58 0.43 -12.11
N LYS A 144 5.48 1.11 -11.85
CA LYS A 144 5.25 2.44 -12.38
C LYS A 144 6.00 3.52 -11.59
N ALA A 145 6.11 3.32 -10.28
CA ALA A 145 6.66 4.35 -9.39
C ALA A 145 8.19 4.43 -9.36
N ARG A 146 8.86 3.38 -9.84
CA ARG A 146 10.31 3.25 -9.63
C ARG A 146 11.10 4.46 -10.12
N LYS A 147 10.80 4.90 -11.33
CA LYS A 147 11.51 6.03 -11.93
C LYS A 147 11.45 7.28 -11.05
N SER A 148 10.24 7.65 -10.61
CA SER A 148 10.07 8.86 -9.83
C SER A 148 10.63 8.70 -8.41
N ILE A 149 10.58 7.49 -7.87
CA ILE A 149 11.18 7.20 -6.57
C ILE A 149 12.67 7.50 -6.61
N ARG A 150 13.35 7.02 -7.64
CA ARG A 150 14.77 7.27 -7.80
C ARG A 150 15.05 8.74 -8.05
N LYS A 151 14.29 9.33 -8.97
CA LYS A 151 14.44 10.73 -9.31
C LYS A 151 14.19 11.64 -8.10
N LEU A 152 13.15 11.35 -7.33
CA LEU A 152 12.83 12.18 -6.18
C LEU A 152 13.58 11.77 -4.92
N ASP A 153 14.30 10.64 -4.99
CA ASP A 153 14.99 10.07 -3.82
C ASP A 153 14.05 9.98 -2.60
N GLU A 154 12.90 9.36 -2.80
CA GLU A 154 11.91 9.23 -1.74
C GLU A 154 10.86 8.22 -2.19
N ILE A 155 10.48 7.34 -1.28
CA ILE A 155 9.29 6.54 -1.55
C ILE A 155 8.18 6.90 -0.54
N VAL A 156 6.94 6.98 -1.04
CA VAL A 156 5.82 7.28 -0.16
C VAL A 156 4.94 6.03 -0.02
N LEU A 157 4.70 5.61 1.23
CA LEU A 157 3.93 4.41 1.51
C LEU A 157 2.51 4.73 2.01
N LEU A 158 1.52 4.20 1.30
CA LEU A 158 0.11 4.37 1.67
C LEU A 158 -0.43 3.02 2.14
N GLU A 159 -1.62 3.00 2.76
CA GLU A 159 -2.22 1.74 3.20
C GLU A 159 -2.86 0.94 2.08
N GLY A 160 -3.54 1.63 1.16
CA GLY A 160 -4.35 0.93 0.18
C GLY A 160 -3.92 1.21 -1.24
N PHE A 161 -3.96 0.18 -2.08
CA PHE A 161 -3.64 0.39 -3.48
C PHE A 161 -4.62 1.41 -4.12
N MET A 162 -5.85 1.48 -3.62
CA MET A 162 -6.79 2.50 -4.11
C MET A 162 -6.27 3.92 -3.85
N ASP A 163 -5.64 4.11 -2.69
CA ASP A 163 -5.01 5.37 -2.37
C ASP A 163 -3.87 5.66 -3.32
N VAL A 164 -3.14 4.61 -3.68
CA VAL A 164 -2.03 4.76 -4.61
C VAL A 164 -2.53 5.22 -6.00
N ILE A 165 -3.58 4.57 -6.50
CA ILE A 165 -4.16 4.92 -7.80
C ILE A 165 -4.55 6.40 -7.86
N LYS A 166 -5.29 6.84 -6.84
CA LYS A 166 -5.79 8.21 -6.74
C LYS A 166 -4.66 9.23 -6.56
N SER A 167 -3.70 8.91 -5.70
CA SER A 167 -2.56 9.79 -5.48
C SER A 167 -1.74 9.97 -6.74
N ASP A 168 -1.50 8.86 -7.44
CA ASP A 168 -0.75 8.84 -8.70
C ASP A 168 -1.38 9.79 -9.72
N THR A 169 -2.68 9.63 -9.97
CA THR A 169 -3.37 10.48 -10.95
C THR A 169 -3.42 11.93 -10.49
N ALA A 170 -3.40 12.16 -9.18
CA ALA A 170 -3.40 13.51 -8.65
C ALA A 170 -2.06 14.23 -8.83
N GLY A 171 -1.00 13.46 -9.14
CA GLY A 171 0.31 14.06 -9.38
C GLY A 171 1.43 13.55 -8.48
N LEU A 172 1.08 12.77 -7.47
CA LEU A 172 2.06 12.19 -6.54
C LEU A 172 2.44 10.78 -7.03
N LYS A 173 3.58 10.70 -7.71
CA LYS A 173 3.91 9.52 -8.50
C LYS A 173 4.75 8.47 -7.77
N ASN A 174 5.46 8.87 -6.73
CA ASN A 174 6.39 7.97 -6.07
C ASN A 174 5.74 7.24 -4.90
N VAL A 175 4.57 6.65 -5.17
CA VAL A 175 3.75 6.01 -4.15
C VAL A 175 3.56 4.51 -4.38
N VAL A 176 3.54 3.75 -3.30
CA VAL A 176 3.26 2.31 -3.36
C VAL A 176 2.46 1.92 -2.13
N ALA A 177 1.93 0.70 -2.13
CA ALA A 177 1.25 0.15 -0.96
C ALA A 177 1.52 -1.35 -0.91
N THR A 178 1.48 -1.96 0.28
CA THR A 178 1.49 -3.43 0.35
C THR A 178 0.07 -3.92 0.06
N MET A 179 -0.08 -5.22 -0.18
CA MET A 179 -1.42 -5.78 -0.35
C MET A 179 -2.09 -6.09 0.98
N GLY A 180 -2.28 -5.05 1.79
CA GLY A 180 -2.96 -5.17 3.07
C GLY A 180 -2.14 -5.81 4.18
N THR A 181 -0.84 -5.92 3.98
CA THR A 181 0.03 -6.54 4.98
C THR A 181 0.98 -5.52 5.60
N GLN A 182 1.59 -5.90 6.72
CA GLN A 182 2.67 -5.11 7.30
C GLN A 182 3.86 -5.14 6.34
N LEU A 183 4.55 -4.02 6.22
CA LEU A 183 5.76 -3.93 5.40
C LEU A 183 6.77 -4.99 5.84
N SER A 184 7.21 -5.84 4.91
CA SER A 184 8.05 -6.99 5.25
C SER A 184 9.54 -6.66 5.26
N ASP A 185 10.34 -7.55 5.85
CA ASP A 185 11.80 -7.42 5.75
C ASP A 185 12.24 -7.38 4.29
N GLU A 186 11.63 -8.23 3.46
CA GLU A 186 11.92 -8.26 2.03
C GLU A 186 11.60 -6.92 1.35
N HIS A 187 10.43 -6.37 1.65
CA HIS A 187 10.05 -5.06 1.10
C HIS A 187 11.11 -4.03 1.45
N ILE A 188 11.54 -4.05 2.70
CA ILE A 188 12.49 -3.05 3.19
C ILE A 188 13.84 -3.19 2.47
N THR A 189 14.24 -4.43 2.22
CA THR A 189 15.45 -4.69 1.45
C THR A 189 15.37 -4.14 0.03
N PHE A 190 14.23 -4.32 -0.63
CA PHE A 190 14.02 -3.76 -1.97
C PHE A 190 14.10 -2.24 -1.92
N ILE A 191 13.29 -1.65 -1.03
CA ILE A 191 13.18 -0.20 -0.91
C ILE A 191 14.53 0.52 -0.71
N ARG A 192 15.35 0.05 0.24
CA ARG A 192 16.63 0.69 0.51
C ARG A 192 17.58 0.72 -0.70
N LYS A 193 17.33 -0.15 -1.68
CA LYS A 193 18.13 -0.16 -2.90
C LYS A 193 17.74 1.02 -3.79
N LEU A 194 16.53 1.53 -3.58
CA LEU A 194 16.01 2.64 -4.39
C LEU A 194 16.23 3.99 -3.76
N THR A 195 16.06 4.06 -2.44
CA THR A 195 16.13 5.33 -1.71
C THR A 195 16.35 5.08 -0.24
N SER A 196 16.83 6.09 0.47
CA SER A 196 16.97 5.98 1.92
C SER A 196 15.86 6.74 2.63
N ASN A 197 15.03 7.44 1.85
CA ASN A 197 13.97 8.28 2.40
C ASN A 197 12.61 7.65 2.20
N ILE A 198 11.92 7.35 3.28
CA ILE A 198 10.57 6.78 3.20
C ILE A 198 9.57 7.61 4.02
N THR A 199 8.49 7.98 3.37
CA THR A 199 7.45 8.78 3.99
C THR A 199 6.21 7.94 4.17
N LEU A 200 5.70 7.89 5.38
CA LEU A 200 4.51 7.11 5.69
C LEU A 200 3.31 8.04 5.68
N MET A 201 2.33 7.72 4.84
CA MET A 201 1.05 8.44 4.88
C MET A 201 -0.10 7.43 4.99
N PHE A 202 -0.28 6.92 6.20
CA PHE A 202 -1.38 5.98 6.46
C PHE A 202 -2.67 6.77 6.73
N ASP A 203 -3.78 6.06 6.90
CA ASP A 203 -5.06 6.74 7.12
C ASP A 203 -5.04 7.54 8.42
N GLY A 204 -5.84 8.60 8.46
CA GLY A 204 -5.87 9.47 9.63
C GLY A 204 -6.81 8.96 10.71
N ASP A 205 -6.61 7.72 11.13
CA ASP A 205 -7.37 7.17 12.24
C ASP A 205 -6.42 6.53 13.25
N PHE A 206 -6.97 6.02 14.34
CA PHE A 206 -6.15 5.43 15.38
C PHE A 206 -5.31 4.27 14.85
N ALA A 207 -5.93 3.39 14.07
CA ALA A 207 -5.22 2.25 13.53
C ALA A 207 -4.04 2.69 12.66
N GLY A 208 -4.25 3.72 11.84
CA GLY A 208 -3.20 4.21 10.97
C GLY A 208 -2.05 4.83 11.76
N SER A 209 -2.38 5.49 12.87
CA SER A 209 -1.36 6.09 13.72
C SER A 209 -0.50 4.99 14.37
N GLU A 210 -1.17 3.97 14.90
CA GLU A 210 -0.47 2.82 15.49
C GLU A 210 0.45 2.15 14.48
N ALA A 211 -0.04 1.98 13.26
CA ALA A 211 0.75 1.37 12.20
C ALA A 211 1.92 2.27 11.83
N THR A 212 1.70 3.58 11.86
CA THR A 212 2.78 4.54 11.55
C THR A 212 3.91 4.40 12.55
N LEU A 213 3.54 4.31 13.83
CA LEU A 213 4.54 4.19 14.90
C LEU A 213 5.32 2.89 14.82
N LYS A 214 4.61 1.77 14.63
CA LYS A 214 5.26 0.47 14.55
C LYS A 214 6.15 0.34 13.32
N THR A 215 5.59 0.62 12.16
CA THR A 215 6.35 0.58 10.91
C THR A 215 7.51 1.59 10.93
N GLY A 216 7.24 2.82 11.36
CA GLY A 216 8.27 3.86 11.40
C GLY A 216 9.43 3.45 12.28
N GLN A 217 9.12 2.88 13.44
CA GLN A 217 10.15 2.48 14.38
C GLN A 217 11.05 1.42 13.78
N HIS A 218 10.47 0.49 13.04
CA HIS A 218 11.25 -0.58 12.44
C HIS A 218 12.12 -0.05 11.30
N LEU A 219 11.54 0.80 10.45
CA LEU A 219 12.29 1.46 9.38
C LEU A 219 13.47 2.25 9.91
N LEU A 220 13.23 3.02 10.97
CA LEU A 220 14.27 3.78 11.65
C LEU A 220 15.39 2.87 12.13
N GLN A 221 15.02 1.78 12.82
CA GLN A 221 16.00 0.82 13.32
CA GLN A 221 15.98 0.81 13.30
C GLN A 221 16.76 0.16 12.17
N GLN A 222 16.14 0.09 11.00
CA GLN A 222 16.78 -0.49 9.82
C GLN A 222 17.66 0.51 9.06
N GLY A 223 17.79 1.72 9.58
CA GLY A 223 18.75 2.67 9.03
C GLY A 223 18.19 3.58 7.95
N LEU A 224 16.87 3.59 7.79
CA LEU A 224 16.22 4.47 6.81
C LEU A 224 15.84 5.80 7.44
N ASN A 225 15.78 6.86 6.63
CA ASN A 225 15.27 8.15 7.08
C ASN A 225 13.75 8.16 6.96
N VAL A 226 13.04 8.29 8.08
CA VAL A 226 11.60 8.14 8.08
C VAL A 226 10.90 9.47 8.27
N PHE A 227 9.88 9.70 7.45
CA PHE A 227 9.07 10.91 7.53
C PHE A 227 7.61 10.52 7.63
N VAL A 228 6.78 11.41 8.16
CA VAL A 228 5.37 11.12 8.34
C VAL A 228 4.52 12.29 7.87
N ILE A 229 3.51 11.96 7.07
CA ILE A 229 2.46 12.92 6.73
C ILE A 229 1.20 12.52 7.46
N GLN A 230 0.63 13.45 8.21
CA GLN A 230 -0.55 13.17 9.03
C GLN A 230 -1.81 13.76 8.38
N LEU A 231 -2.66 12.89 7.85
CA LEU A 231 -3.91 13.29 7.22
C LEU A 231 -4.91 13.70 8.30
N PRO A 232 -5.87 14.57 7.93
CA PRO A 232 -6.95 14.95 8.87
C PRO A 232 -7.71 13.72 9.38
N SER A 233 -8.23 13.81 10.60
CA SER A 233 -8.89 12.70 11.26
C SER A 233 -9.99 12.05 10.42
N GLY A 234 -9.93 10.73 10.29
CA GLY A 234 -10.94 9.99 9.56
C GLY A 234 -10.74 9.98 8.05
N MET A 235 -9.60 10.49 7.57
CA MET A 235 -9.38 10.55 6.13
C MET A 235 -8.23 9.70 5.67
N ASP A 236 -8.41 9.06 4.52
CA ASP A 236 -7.30 8.47 3.80
C ASP A 236 -7.02 9.33 2.56
N PRO A 237 -5.92 9.06 1.84
CA PRO A 237 -5.57 9.96 0.73
C PRO A 237 -6.67 10.08 -0.33
N ASP A 238 -7.32 8.96 -0.66
CA ASP A 238 -8.44 8.98 -1.60
C ASP A 238 -9.58 9.89 -1.13
N GLU A 239 -9.89 9.84 0.16
CA GLU A 239 -10.94 10.71 0.70
C GLU A 239 -10.52 12.17 0.71
N TYR A 240 -9.25 12.43 0.98
CA TYR A 240 -8.74 13.81 0.96
C TYR A 240 -8.85 14.40 -0.44
N ILE A 241 -8.42 13.63 -1.44
CA ILE A 241 -8.46 14.05 -2.83
C ILE A 241 -9.89 14.34 -3.26
N GLY A 242 -10.80 13.46 -2.86
CA GLY A 242 -12.20 13.59 -3.23
C GLY A 242 -12.84 14.83 -2.64
N LYS A 243 -12.40 15.23 -1.45
CA LYS A 243 -13.01 16.36 -0.77
C LYS A 243 -12.34 17.69 -1.13
N TYR A 244 -11.04 17.68 -1.35
CA TYR A 244 -10.30 18.93 -1.55
C TYR A 244 -9.72 19.12 -2.95
N GLY A 245 -9.62 18.05 -3.73
CA GLY A 245 -9.07 18.12 -5.07
C GLY A 245 -7.59 17.80 -5.15
N ASN A 246 -7.08 17.65 -6.38
CA ASN A 246 -5.70 17.24 -6.61
C ASN A 246 -4.64 18.23 -6.14
N ASP A 247 -4.82 19.50 -6.49
CA ASP A 247 -3.84 20.53 -6.17
C ASP A 247 -3.72 20.70 -4.66
N ALA A 248 -4.85 20.65 -3.97
CA ALA A 248 -4.84 20.74 -2.51
C ALA A 248 -4.07 19.58 -1.91
N PHE A 249 -4.30 18.38 -2.46
CA PHE A 249 -3.63 17.18 -1.99
C PHE A 249 -2.11 17.23 -2.15
N THR A 250 -1.65 17.58 -3.34
CA THR A 250 -0.21 17.61 -3.59
C THR A 250 0.48 18.74 -2.80
N THR A 251 -0.24 19.82 -2.54
CA THR A 251 0.25 20.90 -1.67
C THR A 251 0.33 20.44 -0.21
N PHE A 252 -0.73 19.77 0.26
CA PHE A 252 -0.79 19.25 1.63
C PHE A 252 0.39 18.33 1.91
N VAL A 253 0.59 17.36 1.02
CA VAL A 253 1.67 16.38 1.14
C VAL A 253 3.06 17.04 1.19
N LYS A 254 3.21 18.16 0.49
CA LYS A 254 4.50 18.83 0.38
C LYS A 254 4.71 19.81 1.53
N ASN A 255 3.63 20.19 2.20
CA ASN A 255 3.74 21.17 3.26
CA ASN A 255 3.69 21.16 3.28
C ASN A 255 4.20 20.57 4.59
N ASP A 256 3.43 19.66 5.16
CA ASP A 256 3.78 19.12 6.47
C ASP A 256 4.32 17.68 6.45
N LYS A 257 5.64 17.56 6.38
CA LYS A 257 6.30 16.26 6.34
C LYS A 257 7.31 16.27 7.48
N LYS A 258 7.08 15.46 8.50
CA LYS A 258 7.88 15.51 9.72
C LYS A 258 8.75 14.29 9.88
N SER A 259 9.97 14.48 10.36
CA SER A 259 10.82 13.36 10.74
C SER A 259 10.07 12.51 11.76
N PHE A 260 10.30 11.20 11.73
CA PHE A 260 9.57 10.27 12.58
C PHE A 260 9.60 10.64 14.07
N ALA A 261 10.78 10.98 14.58
CA ALA A 261 10.94 11.34 15.99
C ALA A 261 10.00 12.49 16.38
N HIS A 262 9.90 13.49 15.50
CA HIS A 262 9.05 14.64 15.77
C HIS A 262 7.57 14.23 15.76
N TYR A 263 7.18 13.43 14.76
CA TYR A 263 5.82 12.92 14.73
C TYR A 263 5.48 12.13 15.99
N LYS A 264 6.40 11.24 16.38
CA LYS A 264 6.18 10.35 17.52
C LYS A 264 5.97 11.10 18.82
N VAL A 265 6.83 12.07 19.12
CA VAL A 265 6.70 12.82 20.37
C VAL A 265 5.42 13.67 20.33
N SER A 266 5.03 14.15 19.16
CA SER A 266 3.80 14.96 19.07
C SER A 266 2.55 14.13 19.39
N ILE A 267 2.57 12.84 19.03
CA ILE A 267 1.50 11.91 19.35
C ILE A 267 1.45 11.64 20.86
N LEU A 268 2.63 11.61 21.49
CA LEU A 268 2.76 11.28 22.91
C LEU A 268 2.73 12.49 23.83
N LYS A 269 2.48 13.66 23.24
CA LYS A 269 2.61 14.94 23.93
C LYS A 269 1.87 15.02 25.27
N ASP A 270 0.59 14.66 25.26
CA ASP A 270 -0.23 14.82 26.45
C ASP A 270 0.15 13.82 27.55
N GLU A 271 0.43 12.59 27.17
CA GLU A 271 0.84 11.59 28.16
C GLU A 271 2.15 12.02 28.83
N ILE A 272 3.11 12.50 28.03
CA ILE A 272 4.39 12.96 28.55
C ILE A 272 4.21 14.10 29.55
N ALA A 273 3.29 15.01 29.25
CA ALA A 273 3.04 16.18 30.10
C ALA A 273 2.23 15.89 31.36
N HIS A 274 1.62 14.70 31.45
CA HIS A 274 0.73 14.40 32.57
C HIS A 274 1.16 13.21 33.43
N ASN A 275 1.99 12.34 32.86
CA ASN A 275 2.40 11.10 33.51
C ASN A 275 3.92 11.08 33.60
N ASP A 276 4.45 11.24 34.81
CA ASP A 276 5.90 11.35 34.99
C ASP A 276 6.63 10.05 34.66
N LEU A 277 5.95 8.93 34.84
CA LEU A 277 6.52 7.64 34.49
C LEU A 277 6.71 7.56 32.98
N SER A 278 5.68 7.95 32.24
CA SER A 278 5.76 8.02 30.79
C SER A 278 6.77 9.08 30.32
N TYR A 279 6.85 10.20 31.05
CA TYR A 279 7.81 11.26 30.73
C TYR A 279 9.21 10.65 30.64
N GLU A 280 9.60 9.93 31.69
CA GLU A 280 10.93 9.33 31.75
CA GLU A 280 10.93 9.32 31.76
C GLU A 280 11.14 8.26 30.67
N ARG A 281 10.14 7.41 30.48
CA ARG A 281 10.29 6.35 29.51
CA ARG A 281 10.22 6.33 29.51
C ARG A 281 10.38 6.88 28.09
N TYR A 282 9.55 7.86 27.75
CA TYR A 282 9.58 8.42 26.41
C TYR A 282 10.78 9.33 26.14
N LEU A 283 11.32 9.95 27.20
CA LEU A 283 12.54 10.74 27.04
C LEU A 283 13.68 9.79 26.64
N LYS A 284 13.77 8.65 27.31
CA LYS A 284 14.75 7.64 26.90
C LYS A 284 14.46 7.05 25.51
N GLU A 285 13.20 6.77 25.20
CA GLU A 285 12.86 6.24 23.87
C GLU A 285 13.25 7.22 22.76
N LEU A 286 12.83 8.48 22.92
CA LEU A 286 13.10 9.48 21.90
C LEU A 286 14.60 9.73 21.75
N SER A 287 15.32 9.68 22.87
CA SER A 287 16.77 9.81 22.85
C SER A 287 17.36 8.69 21.99
N HIS A 288 16.87 7.47 22.23
CA HIS A 288 17.32 6.33 21.44
CA HIS A 288 17.30 6.32 21.45
C HIS A 288 16.92 6.50 19.98
N ASP A 289 15.68 6.88 19.74
CA ASP A 289 15.20 7.10 18.37
C ASP A 289 16.10 8.07 17.61
N ILE A 290 16.38 9.22 18.23
CA ILE A 290 17.22 10.23 17.58
C ILE A 290 18.64 9.69 17.32
N SER A 291 19.15 8.89 18.25
CA SER A 291 20.49 8.33 18.11
C SER A 291 20.59 7.42 16.88
N LEU A 292 19.47 6.83 16.46
CA LEU A 292 19.45 5.97 15.27
C LEU A 292 19.48 6.73 13.94
N MET A 293 19.12 8.01 13.95
CA MET A 293 19.03 8.77 12.72
C MET A 293 20.40 8.94 12.05
N LYS A 294 20.53 8.47 10.81
CA LYS A 294 21.80 8.50 10.10
C LYS A 294 22.14 9.88 9.56
N SER A 295 21.11 10.69 9.34
CA SER A 295 21.31 12.04 8.84
C SER A 295 21.69 12.99 9.98
N SER A 296 22.92 13.48 9.95
CA SER A 296 23.40 14.41 10.97
C SER A 296 22.58 15.71 11.00
N ILE A 297 22.18 16.18 9.82
CA ILE A 297 21.36 17.38 9.68
C ILE A 297 19.97 17.19 10.30
N LEU A 298 19.34 16.06 9.97
CA LEU A 298 18.00 15.80 10.49
C LEU A 298 18.03 15.43 11.98
N GLN A 299 19.12 14.79 12.41
CA GLN A 299 19.28 14.43 13.81
C GLN A 299 19.33 15.70 14.66
N GLN A 300 20.10 16.68 14.21
CA GLN A 300 20.18 17.96 14.91
C GLN A 300 18.84 18.69 14.94
N LYS A 301 18.11 18.67 13.82
CA LYS A 301 16.82 19.31 13.80
C LYS A 301 15.79 18.60 14.71
N ALA A 302 15.80 17.27 14.70
CA ALA A 302 14.91 16.50 15.58
C ALA A 302 15.16 16.83 17.06
N ILE A 303 16.43 17.00 17.42
CA ILE A 303 16.78 17.36 18.79
C ILE A 303 16.11 18.68 19.15
N ASN A 304 16.24 19.67 18.27
CA ASN A 304 15.61 20.97 18.47
C ASN A 304 14.09 20.89 18.56
N ASP A 305 13.49 20.06 17.71
CA ASP A 305 12.03 19.92 17.68
C ASP A 305 11.46 19.10 18.84
N VAL A 306 12.21 18.10 19.30
CA VAL A 306 11.71 17.20 20.34
C VAL A 306 11.89 17.75 21.77
N ALA A 307 13.01 18.39 22.02
CA ALA A 307 13.31 18.94 23.35
C ALA A 307 12.17 19.71 24.06
N PRO A 308 11.48 20.62 23.35
CA PRO A 308 10.39 21.38 24.01
C PRO A 308 9.29 20.50 24.59
N PHE A 309 9.01 19.37 23.97
CA PHE A 309 7.99 18.45 24.47
C PHE A 309 8.31 17.92 25.88
N PHE A 310 9.59 17.94 26.24
CA PHE A 310 10.01 17.50 27.57
C PHE A 310 10.37 18.67 28.48
N ASN A 311 10.22 19.90 27.97
CA ASN A 311 10.62 21.09 28.72
C ASN A 311 12.09 21.00 29.12
N VAL A 312 12.94 20.55 28.19
CA VAL A 312 14.38 20.55 28.39
C VAL A 312 15.03 21.30 27.24
N SER A 313 16.26 21.76 27.42
CA SER A 313 16.95 22.49 26.36
C SER A 313 17.48 21.50 25.31
N PRO A 314 17.69 21.98 24.07
CA PRO A 314 18.26 21.07 23.07
C PRO A 314 19.62 20.52 23.51
N GLU A 315 20.36 21.32 24.29
CA GLU A 315 21.64 20.86 24.81
C GLU A 315 21.50 19.69 25.77
N GLN A 316 20.54 19.81 26.71
CA GLN A 316 20.23 18.71 27.63
C GLN A 316 19.83 17.44 26.89
N LEU A 317 18.96 17.58 25.90
CA LEU A 317 18.51 16.41 25.15
C LEU A 317 19.67 15.80 24.36
N ALA A 318 20.49 16.66 23.76
CA ALA A 318 21.67 16.19 23.04
C ALA A 318 22.57 15.38 23.98
N ASN A 319 22.64 15.82 25.23
CA ASN A 319 23.46 15.14 26.22
C ASN A 319 22.90 13.77 26.57
N GLU A 320 21.58 13.70 26.66
CA GLU A 320 20.90 12.45 26.95
C GLU A 320 21.14 11.44 25.82
N ILE A 321 21.35 11.96 24.62
CA ILE A 321 21.69 11.15 23.45
C ILE A 321 23.19 10.93 23.37
C1 BEN B . -12.53 -9.38 -25.66
C2 BEN B . -11.17 -9.44 -25.33
C3 BEN B . -10.68 -10.51 -24.58
C4 BEN B . -11.54 -11.52 -24.16
C5 BEN B . -12.89 -11.45 -24.50
C6 BEN B . -13.40 -10.38 -25.24
C BEN B . -12.99 -8.29 -26.42
N1 BEN B . -12.34 -7.15 -26.40
N2 BEN B . -14.07 -8.37 -27.20
C1 BEN C . 8.42 -5.17 10.85
C2 BEN C . 7.74 -4.24 10.05
C3 BEN C . 6.90 -3.30 10.62
C4 BEN C . 6.74 -3.27 12.00
C5 BEN C . 7.42 -4.18 12.80
C6 BEN C . 8.26 -5.13 12.23
C BEN C . 9.27 -6.12 10.25
N1 BEN C . 9.29 -6.29 8.93
N2 BEN C . 10.06 -6.87 10.98
PG ATP D . -12.08 1.64 -0.16
PG ATP D . -12.05 1.47 -0.01
O1G ATP D . -12.23 0.93 -1.49
O1G ATP D . -12.14 0.78 -1.35
O2G ATP D . -13.23 1.46 0.81
O2G ATP D . -13.20 1.26 0.93
O3G ATP D . -11.65 3.05 -0.39
O3G ATP D . -11.67 2.91 -0.21
PB ATP D . -9.57 1.54 1.20
PB ATP D . -9.60 1.52 1.40
O1B ATP D . -8.69 2.09 0.11
O1B ATP D . -8.67 2.04 0.34
O2B ATP D . -10.09 2.42 2.32
O2B ATP D . -10.22 2.42 2.43
O3B ATP D . -10.88 0.85 0.55
O3B ATP D . -10.82 0.73 0.71
PA ATP D . -8.69 0.07 3.40
PA ATP D . -8.89 0.09 3.71
O1A ATP D . -10.03 -0.30 3.99
O1A ATP D . -10.21 -0.54 4.12
O2A ATP D . -7.92 1.27 3.91
O2A ATP D . -8.41 1.35 4.38
O3A ATP D . -8.86 0.25 1.82
O3A ATP D . -8.87 0.29 2.12
O5' ATP D . -7.69 -1.19 3.41
O5' ATP D . -7.69 -0.98 3.84
C5' ATP D . -6.29 -0.99 3.23
C5' ATP D . -6.37 -0.57 3.49
C4' ATP D . -5.79 -2.09 2.31
C4' ATP D . -5.72 -1.76 2.81
O4' ATP D . -5.96 -3.35 2.97
O4' ATP D . -5.51 -2.76 3.80
C3' ATP D . -6.60 -2.15 1.01
C3' ATP D . -6.64 -2.33 1.74
O3' ATP D . -5.89 -1.64 -0.11
O3' ATP D . -5.96 -2.39 0.47
C2' ATP D . -6.83 -3.62 0.77
C2' ATP D . -7.00 -3.72 2.20
O2' ATP D . -5.90 -4.06 -0.23
O2' ATP D . -6.71 -4.69 1.18
C1' ATP D . -6.51 -4.32 2.07
C1' ATP D . -6.15 -3.98 3.43
N9 ATP D . -7.77 -4.88 2.59
N9 ATP D . -6.97 -4.45 4.57
C8 ATP D . -8.81 -4.15 3.06
C8 ATP D . -7.83 -3.72 5.29
N7 ATP D . -9.83 -4.96 3.45
N7 ATP D . -8.42 -4.46 6.26
C5 ATP D . -9.45 -6.22 3.22
C5 ATP D . -7.92 -5.71 6.17
C6 ATP D . -10.05 -7.56 3.40
C6 ATP D . -8.11 -6.99 6.88
N6 ATP D . -11.30 -7.68 3.93
N6 ATP D . -8.97 -7.07 7.92
N1 ATP D . -9.32 -8.64 3.03
N1 ATP D . -7.38 -8.05 6.48
C2 ATP D . -8.08 -8.52 2.51
C2 ATP D . -6.52 -7.97 5.45
N3 ATP D . -7.47 -7.33 2.31
N3 ATP D . -6.30 -6.84 4.75
C4 ATP D . -8.09 -6.17 2.64
C4 ATP D . -6.96 -5.71 5.05
MN MN E . -8.49 3.66 3.68
MN MN F . -10.55 4.57 1.06
MN MN G . -8.05 2.16 8.44
#